data_1DCS
#
_entry.id   1DCS
#
_cell.length_a   106.400
_cell.length_b   106.400
_cell.length_c   71.200
_cell.angle_alpha   90.00
_cell.angle_beta   90.00
_cell.angle_gamma   120.00
#
_symmetry.space_group_name_H-M   'H 3'
#
loop_
_entity.id
_entity.type
_entity.pdbx_description
1 polymer 'DEACETOXYCEPHALOSPORIN C SYNTHASE'
2 non-polymer 'SULFATE ION'
3 water water
#
_entity_poly.entity_id   1
_entity_poly.type   'polypeptide(L)'
_entity_poly.pdbx_seq_one_letter_code
;MDTTVPTFSLAELQQGLHQDEFRRCLRDKGLFYLTDCGLTDTELKSAKDLVIDFFEHGSEAEKRAVTSPVPTMRRGFTGL
ESESTAQITNTGSYSDYSMCYSMGTADNLFPSGDFERIWTQYFDRQYTASRAVAREVLRATGTEPDGGVEAFLDCEPLLR
FRYFPQVPEHRSAEEQPLRMAPHYDLSMVTLIQQTPCANGFVSLQAEVGGAFTDLPYRPDAVLVFCGAIATLVTGGQVKA
PRHHVAAPRRDQIAGSSRTSSVFFLRPNADFTFSVPLARECGFDVSLDGETATFQDWIGGNYVNIRRTSKA
;
_entity_poly.pdbx_strand_id   A
#
loop_
_chem_comp.id
_chem_comp.type
_chem_comp.name
_chem_comp.formula
SO4 non-polymer 'SULFATE ION' 'O4 S -2'
#
# COMPACT_ATOMS: atom_id res chain seq x y z
N MET A 1 8.95 -11.89 21.10
CA MET A 1 7.51 -11.81 20.91
C MET A 1 7.01 -12.80 19.86
N ASP A 2 5.69 -12.98 19.79
CA ASP A 2 5.10 -13.66 18.65
C ASP A 2 5.48 -12.83 17.42
N THR A 3 6.16 -13.40 16.45
CA THR A 3 6.62 -12.80 15.21
C THR A 3 5.66 -13.13 14.05
N THR A 4 4.51 -13.60 14.50
CA THR A 4 3.42 -13.94 13.61
C THR A 4 2.75 -12.69 13.06
N VAL A 5 2.53 -12.62 11.77
CA VAL A 5 1.71 -11.56 11.18
C VAL A 5 0.24 -11.85 11.43
N PRO A 6 -0.47 -11.05 12.21
CA PRO A 6 -1.86 -11.39 12.52
C PRO A 6 -2.80 -11.09 11.38
N THR A 7 -4.04 -11.59 11.50
CA THR A 7 -5.12 -11.37 10.61
C THR A 7 -6.30 -10.76 11.38
N PHE A 8 -6.92 -9.75 10.81
CA PHE A 8 -8.12 -9.15 11.32
C PHE A 8 -9.18 -9.15 10.25
N SER A 9 -10.42 -9.39 10.65
CA SER A 9 -11.61 -9.14 9.89
C SER A 9 -12.04 -7.69 9.94
N LEU A 10 -12.10 -7.06 8.75
CA LEU A 10 -12.54 -5.66 8.78
C LEU A 10 -13.91 -5.50 9.40
N ALA A 11 -14.80 -6.45 9.05
CA ALA A 11 -16.15 -6.42 9.60
C ALA A 11 -16.19 -6.50 11.13
N GLU A 12 -15.38 -7.36 11.73
CA GLU A 12 -15.26 -7.55 13.14
C GLU A 12 -14.71 -6.27 13.76
N LEU A 13 -13.68 -5.68 13.14
CA LEU A 13 -13.16 -4.42 13.65
C LEU A 13 -14.23 -3.34 13.69
N GLN A 14 -15.04 -3.26 12.63
CA GLN A 14 -16.08 -2.26 12.53
C GLN A 14 -17.19 -2.46 13.55
N GLN A 15 -17.30 -3.67 14.06
CA GLN A 15 -18.24 -3.98 15.14
C GLN A 15 -17.65 -3.72 16.52
N GLY A 16 -16.41 -3.25 16.60
CA GLY A 16 -15.79 -2.94 17.87
C GLY A 16 -15.13 -4.10 18.55
N LEU A 17 -14.84 -5.17 17.82
CA LEU A 17 -14.17 -6.32 18.37
C LEU A 17 -12.66 -6.22 18.26
N HIS A 18 -11.98 -6.90 19.16
CA HIS A 18 -10.53 -7.07 19.12
C HIS A 18 -9.78 -5.76 19.21
N GLN A 19 -10.33 -4.79 19.91
CA GLN A 19 -9.73 -3.45 19.88
C GLN A 19 -8.38 -3.46 20.56
N ASP A 20 -8.17 -4.19 21.67
CA ASP A 20 -6.83 -4.15 22.27
C ASP A 20 -5.81 -4.90 21.40
N GLU A 21 -6.20 -6.01 20.82
CA GLU A 21 -5.34 -6.77 19.93
C GLU A 21 -4.96 -5.93 18.73
N PHE A 22 -5.91 -5.16 18.19
CA PHE A 22 -5.65 -4.31 17.03
C PHE A 22 -4.67 -3.20 17.40
N ARG A 23 -4.92 -2.51 18.51
CA ARG A 23 -4.01 -1.47 18.93
C ARG A 23 -2.62 -2.02 19.16
N ARG A 24 -2.51 -3.20 19.79
CA ARG A 24 -1.18 -3.78 20.03
C ARG A 24 -0.49 -4.11 18.70
N CYS A 25 -1.23 -4.69 17.74
CA CYS A 25 -0.64 -4.98 16.43
C CYS A 25 -0.14 -3.69 15.80
N LEU A 26 -0.98 -2.66 15.81
CA LEU A 26 -0.57 -1.39 15.19
C LEU A 26 0.73 -0.86 15.78
N ARG A 27 0.87 -0.90 17.10
CA ARG A 27 2.02 -0.30 17.77
C ARG A 27 3.24 -1.16 17.60
N ASP A 28 3.09 -2.49 17.70
CA ASP A 28 4.23 -3.37 17.81
C ASP A 28 4.70 -3.94 16.48
N LYS A 29 3.80 -3.99 15.51
CA LYS A 29 4.06 -4.62 14.22
C LYS A 29 3.74 -3.73 13.03
N GLY A 30 2.59 -3.07 12.98
CA GLY A 30 2.25 -2.17 11.91
C GLY A 30 1.95 -2.86 10.59
N LEU A 31 1.58 -4.12 10.64
CA LEU A 31 1.18 -4.87 9.46
C LEU A 31 0.27 -6.01 9.92
N PHE A 32 -0.60 -6.43 9.02
CA PHE A 32 -1.57 -7.48 9.27
C PHE A 32 -2.23 -7.87 7.95
N TYR A 33 -2.77 -9.07 7.94
CA TYR A 33 -3.69 -9.47 6.88
C TYR A 33 -5.09 -9.00 7.25
N LEU A 34 -5.89 -8.66 6.23
CA LEU A 34 -7.23 -8.15 6.41
C LEU A 34 -8.22 -8.98 5.58
N THR A 35 -9.18 -9.60 6.26
CA THR A 35 -10.22 -10.39 5.62
C THR A 35 -11.50 -9.59 5.64
N ASP A 36 -12.53 -10.07 4.97
CA ASP A 36 -13.88 -9.52 5.06
C ASP A 36 -13.90 -8.03 4.73
N CYS A 37 -13.20 -7.64 3.68
CA CYS A 37 -13.08 -6.23 3.31
C CYS A 37 -13.50 -5.99 1.88
N GLY A 38 -14.23 -6.88 1.24
CA GLY A 38 -14.70 -6.70 -0.11
C GLY A 38 -13.70 -7.07 -1.19
N LEU A 39 -12.56 -7.69 -0.86
CA LEU A 39 -11.56 -7.94 -1.90
C LEU A 39 -11.37 -9.39 -2.26
N THR A 40 -12.15 -9.89 -3.22
CA THR A 40 -12.06 -11.33 -3.49
C THR A 40 -10.91 -11.74 -4.40
N ASP A 41 -10.56 -13.04 -4.27
CA ASP A 41 -9.58 -13.54 -5.23
C ASP A 41 -10.22 -13.59 -6.61
N THR A 42 -11.50 -13.93 -6.72
CA THR A 42 -12.08 -14.10 -8.06
C THR A 42 -11.92 -12.77 -8.81
N GLU A 43 -12.23 -11.66 -8.16
CA GLU A 43 -12.05 -10.32 -8.70
C GLU A 43 -10.62 -9.91 -9.00
N LEU A 44 -9.72 -10.16 -8.03
CA LEU A 44 -8.33 -9.98 -8.41
C LEU A 44 -7.99 -10.72 -9.71
N LYS A 45 -8.57 -11.91 -9.92
CA LYS A 45 -8.03 -12.55 -11.12
C LYS A 45 -8.74 -12.05 -12.37
N SER A 46 -9.96 -11.53 -12.34
CA SER A 46 -10.51 -10.92 -13.57
C SER A 46 -9.72 -9.66 -13.98
N ALA A 47 -9.39 -8.82 -13.01
CA ALA A 47 -8.54 -7.65 -13.28
C ALA A 47 -7.16 -8.12 -13.75
N LYS A 48 -6.57 -9.08 -13.06
CA LYS A 48 -5.26 -9.63 -13.41
C LYS A 48 -5.23 -10.21 -14.82
N ASP A 49 -6.20 -11.07 -15.15
CA ASP A 49 -6.27 -11.69 -16.46
C ASP A 49 -6.34 -10.66 -17.58
N LEU A 50 -7.17 -9.62 -17.43
CA LEU A 50 -7.30 -8.66 -18.51
C LEU A 50 -6.03 -7.80 -18.62
N VAL A 51 -5.37 -7.47 -17.50
CA VAL A 51 -4.13 -6.70 -17.68
C VAL A 51 -3.00 -7.57 -18.20
N ILE A 52 -2.91 -8.84 -17.83
CA ILE A 52 -1.86 -9.71 -18.35
C ILE A 52 -2.04 -9.97 -19.83
N ASP A 53 -3.32 -10.07 -20.22
CA ASP A 53 -3.54 -10.19 -21.65
C ASP A 53 -3.02 -8.98 -22.38
N PHE A 54 -3.24 -7.82 -21.80
CA PHE A 54 -2.75 -6.58 -22.41
C PHE A 54 -1.24 -6.58 -22.46
N PHE A 55 -0.60 -6.93 -21.33
CA PHE A 55 0.85 -6.97 -21.27
C PHE A 55 1.43 -7.93 -22.31
N GLU A 56 0.83 -9.10 -22.39
CA GLU A 56 1.24 -10.17 -23.29
C GLU A 56 0.92 -9.93 -24.76
N HIS A 57 -0.25 -9.40 -25.06
CA HIS A 57 -0.75 -9.35 -26.43
C HIS A 57 -1.10 -7.97 -26.94
N GLY A 58 -0.95 -6.97 -26.07
CA GLY A 58 -1.09 -5.59 -26.50
C GLY A 58 0.03 -5.25 -27.47
N SER A 59 -0.27 -4.60 -28.60
CA SER A 59 0.85 -4.20 -29.44
C SER A 59 1.52 -2.94 -28.92
N GLU A 60 2.67 -2.58 -29.48
CA GLU A 60 3.33 -1.35 -29.04
C GLU A 60 2.44 -0.14 -29.25
N ALA A 61 1.66 -0.08 -30.32
CA ALA A 61 0.77 1.04 -30.54
C ALA A 61 -0.32 1.25 -29.50
N GLU A 62 -0.98 0.16 -29.11
CA GLU A 62 -1.96 0.10 -28.05
C GLU A 62 -1.32 0.49 -26.73
N LYS A 63 -0.10 0.00 -26.49
CA LYS A 63 0.60 0.33 -25.26
C LYS A 63 0.94 1.83 -25.26
N ARG A 64 1.41 2.34 -26.41
CA ARG A 64 1.74 3.78 -26.44
C ARG A 64 0.56 4.68 -26.14
N ALA A 65 -0.63 4.28 -26.61
CA ALA A 65 -1.83 5.08 -26.44
C ALA A 65 -2.21 5.18 -24.96
N VAL A 66 -1.69 4.29 -24.11
CA VAL A 66 -1.99 4.36 -22.69
C VAL A 66 -0.70 4.53 -21.87
N THR A 67 0.32 5.12 -22.46
CA THR A 67 1.54 5.49 -21.81
C THR A 67 1.66 6.99 -21.62
N SER A 68 1.91 7.48 -20.42
CA SER A 68 2.15 8.88 -20.16
C SER A 68 3.44 9.37 -20.83
N PRO A 69 3.47 10.66 -21.15
CA PRO A 69 4.71 11.20 -21.81
C PRO A 69 5.90 11.28 -20.88
N VAL A 70 5.72 11.21 -19.58
CA VAL A 70 6.79 11.09 -18.62
C VAL A 70 6.66 9.73 -17.92
N PRO A 71 7.74 8.99 -17.71
CA PRO A 71 7.59 7.60 -17.25
C PRO A 71 7.51 7.49 -15.72
N THR A 72 6.45 8.10 -15.16
CA THR A 72 6.32 8.26 -13.73
C THR A 72 5.55 7.12 -13.07
N MET A 73 4.96 6.23 -13.87
CA MET A 73 4.14 5.14 -13.28
C MET A 73 2.99 5.67 -12.43
N ARG A 74 2.47 6.83 -12.75
CA ARG A 74 1.31 7.39 -12.08
C ARG A 74 0.03 6.88 -12.72
N ARG A 75 -0.05 6.80 -14.03
CA ARG A 75 -1.23 6.40 -14.77
C ARG A 75 -0.83 5.58 -16.00
N GLY A 76 -1.61 4.59 -16.36
CA GLY A 76 -1.41 3.85 -17.59
C GLY A 76 -0.28 2.84 -17.51
N PHE A 77 0.29 2.50 -18.65
CA PHE A 77 1.28 1.44 -18.83
C PHE A 77 2.70 1.93 -18.67
N THR A 78 3.56 1.13 -18.05
CA THR A 78 5.00 1.38 -18.04
C THR A 78 5.75 0.08 -18.36
N GLY A 79 6.63 0.00 -19.34
CA GLY A 79 7.46 -1.16 -19.60
C GLY A 79 8.86 -0.92 -19.07
N LEU A 80 9.47 -1.92 -18.45
CA LEU A 80 10.80 -1.71 -17.84
C LEU A 80 11.77 -2.82 -18.19
N SER A 98 9.90 -6.57 -16.87
CA SER A 98 8.81 -6.18 -15.98
C SER A 98 7.88 -5.14 -16.62
N MET A 99 6.62 -5.12 -16.22
CA MET A 99 5.59 -4.21 -16.72
C MET A 99 4.66 -3.77 -15.60
N CYS A 100 4.17 -2.55 -15.71
CA CYS A 100 3.28 -1.97 -14.68
C CYS A 100 2.05 -1.35 -15.31
N TYR A 101 0.93 -1.32 -14.58
CA TYR A 101 -0.28 -0.63 -14.94
C TYR A 101 -0.70 0.14 -13.69
N SER A 102 -0.88 1.43 -13.87
CA SER A 102 -1.19 2.30 -12.73
C SER A 102 -2.51 3.04 -12.91
N MET A 103 -3.17 3.35 -11.81
CA MET A 103 -4.40 4.15 -11.88
C MET A 103 -4.62 4.90 -10.56
N GLY A 104 -5.53 5.86 -10.67
CA GLY A 104 -6.02 6.60 -9.52
C GLY A 104 -7.49 6.96 -9.70
N THR A 105 -7.95 7.98 -8.99
CA THR A 105 -9.39 8.30 -9.01
C THR A 105 -9.83 8.94 -10.32
N ALA A 106 -8.90 9.51 -11.08
CA ALA A 106 -9.20 10.24 -12.32
C ALA A 106 -7.94 10.31 -13.18
N ASP A 107 -8.07 10.84 -14.37
CA ASP A 107 -6.96 10.99 -15.30
C ASP A 107 -6.36 9.63 -15.64
N ASN A 108 -7.19 8.64 -15.77
CA ASN A 108 -6.75 7.28 -16.08
C ASN A 108 -6.67 7.05 -17.58
N LEU A 109 -5.88 6.07 -17.95
CA LEU A 109 -5.60 5.66 -19.34
C LEU A 109 -5.95 4.20 -19.49
N PHE A 110 -7.03 3.89 -20.19
CA PHE A 110 -7.53 2.52 -20.33
C PHE A 110 -7.42 1.98 -21.74
N PRO A 111 -6.88 0.78 -21.91
CA PRO A 111 -6.87 0.17 -23.24
C PRO A 111 -8.24 -0.09 -23.86
N SER A 112 -9.30 -0.24 -23.04
CA SER A 112 -10.52 -0.64 -23.85
C SER A 112 -11.73 -0.53 -22.92
N GLY A 113 -12.96 -0.52 -23.39
CA GLY A 113 -14.14 -0.42 -22.52
C GLY A 113 -14.23 -1.56 -21.53
N ASP A 114 -13.87 -2.75 -22.06
CA ASP A 114 -13.88 -3.87 -21.07
C ASP A 114 -12.94 -3.74 -19.89
N PHE A 115 -11.71 -3.47 -20.27
CA PHE A 115 -10.68 -3.13 -19.28
C PHE A 115 -11.18 -2.04 -18.33
N GLU A 116 -11.67 -0.93 -18.88
CA GLU A 116 -12.06 0.19 -18.04
C GLU A 116 -13.10 -0.23 -17.01
N ARG A 117 -14.12 -0.97 -17.41
CA ARG A 117 -15.16 -1.37 -16.46
C ARG A 117 -14.58 -2.20 -15.34
N ILE A 118 -13.76 -3.17 -15.70
CA ILE A 118 -13.20 -4.11 -14.74
C ILE A 118 -12.25 -3.38 -13.76
N TRP A 119 -11.35 -2.56 -14.29
CA TRP A 119 -10.36 -1.88 -13.47
C TRP A 119 -10.96 -0.75 -12.67
N THR A 120 -11.98 -0.06 -13.17
CA THR A 120 -12.65 0.97 -12.36
C THR A 120 -13.25 0.31 -11.15
N GLN A 121 -13.88 -0.85 -11.34
CA GLN A 121 -14.52 -1.52 -10.19
C GLN A 121 -13.50 -1.99 -9.18
N TYR A 122 -12.44 -2.59 -9.67
CA TYR A 122 -11.33 -3.09 -8.88
C TYR A 122 -10.67 -1.97 -8.08
N PHE A 123 -10.33 -0.87 -8.75
CA PHE A 123 -9.82 0.31 -8.01
C PHE A 123 -10.77 0.74 -6.91
N ASP A 124 -12.05 0.87 -7.24
CA ASP A 124 -13.01 1.38 -6.27
C ASP A 124 -13.05 0.51 -5.04
N ARG A 125 -13.06 -0.81 -5.28
CA ARG A 125 -13.09 -1.69 -4.15
C ARG A 125 -11.84 -1.60 -3.27
N GLN A 126 -10.68 -1.44 -3.88
CA GLN A 126 -9.46 -1.24 -3.11
C GLN A 126 -9.46 0.09 -2.41
N TYR A 127 -9.96 1.16 -2.99
CA TYR A 127 -10.00 2.45 -2.34
C TYR A 127 -10.97 2.41 -1.15
N THR A 128 -12.14 1.78 -1.34
CA THR A 128 -13.07 1.63 -0.24
C THR A 128 -12.48 0.85 0.90
N ALA A 129 -11.81 -0.29 0.62
CA ALA A 129 -11.19 -1.07 1.69
C ALA A 129 -10.11 -0.30 2.42
N SER A 130 -9.29 0.42 1.64
CA SER A 130 -8.19 1.17 2.23
C SER A 130 -8.71 2.26 3.13
N ARG A 131 -9.73 3.02 2.68
CA ARG A 131 -10.32 4.03 3.55
C ARG A 131 -10.91 3.39 4.81
N ALA A 132 -11.58 2.26 4.64
CA ALA A 132 -12.25 1.63 5.76
C ALA A 132 -11.22 1.15 6.80
N VAL A 133 -10.12 0.52 6.37
CA VAL A 133 -9.17 0.05 7.37
C VAL A 133 -8.46 1.27 7.97
N ALA A 134 -8.20 2.34 7.20
CA ALA A 134 -7.61 3.55 7.79
C ALA A 134 -8.52 4.16 8.83
N ARG A 135 -9.83 4.16 8.56
CA ARG A 135 -10.80 4.68 9.52
C ARG A 135 -10.68 3.90 10.83
N GLU A 136 -10.49 2.59 10.75
CA GLU A 136 -10.36 1.78 11.93
C GLU A 136 -9.03 2.02 12.66
N VAL A 137 -7.96 2.28 11.94
CA VAL A 137 -6.67 2.67 12.55
C VAL A 137 -6.84 3.96 13.35
N LEU A 138 -7.51 4.95 12.71
CA LEU A 138 -7.74 6.23 13.35
C LEU A 138 -8.62 6.02 14.60
N ARG A 139 -9.70 5.25 14.47
CA ARG A 139 -10.63 5.10 15.58
C ARG A 139 -9.99 4.36 16.75
N ALA A 140 -9.21 3.30 16.44
CA ALA A 140 -8.59 2.49 17.47
C ALA A 140 -7.57 3.25 18.30
N THR A 141 -6.98 4.27 17.69
CA THR A 141 -5.97 5.12 18.33
C THR A 141 -6.53 6.45 18.81
N GLY A 142 -7.83 6.67 18.73
CA GLY A 142 -8.41 7.93 19.19
C GLY A 142 -8.01 9.14 18.42
N THR A 143 -7.73 8.98 17.14
CA THR A 143 -7.21 10.08 16.35
C THR A 143 -8.19 10.83 15.47
N GLU A 144 -8.24 12.15 15.65
CA GLU A 144 -8.97 13.07 14.82
C GLU A 144 -7.96 13.88 14.02
N PRO A 145 -7.72 13.60 12.75
CA PRO A 145 -6.78 14.41 11.97
C PRO A 145 -7.25 15.85 11.94
N ASP A 146 -6.32 16.78 11.84
CA ASP A 146 -6.69 18.18 11.61
C ASP A 146 -7.57 18.22 10.38
N GLY A 147 -8.72 18.84 10.48
CA GLY A 147 -9.65 18.97 9.39
C GLY A 147 -10.63 17.82 9.32
N GLY A 148 -10.54 16.83 10.21
CA GLY A 148 -11.47 15.74 10.36
C GLY A 148 -11.14 14.51 9.57
N VAL A 149 -11.75 13.38 9.95
CA VAL A 149 -11.48 12.08 9.35
C VAL A 149 -11.84 12.01 7.88
N GLU A 150 -13.05 12.42 7.50
CA GLU A 150 -13.44 12.14 6.11
C GLU A 150 -12.65 12.99 5.14
N ALA A 151 -12.32 14.24 5.46
CA ALA A 151 -11.48 15.04 4.57
C ALA A 151 -10.08 14.46 4.46
N PHE A 152 -9.58 13.84 5.52
CA PHE A 152 -8.26 13.18 5.50
C PHE A 152 -8.25 11.97 4.57
N LEU A 153 -9.34 11.17 4.59
CA LEU A 153 -9.42 9.96 3.79
C LEU A 153 -9.83 10.13 2.34
N ASP A 154 -10.42 11.26 2.01
CA ASP A 154 -10.74 11.66 0.64
C ASP A 154 -9.46 12.28 0.10
N CYS A 155 -8.62 11.42 -0.48
CA CYS A 155 -7.20 11.80 -0.60
C CYS A 155 -6.63 11.51 -1.98
N GLU A 156 -5.39 11.03 -2.05
CA GLU A 156 -4.63 10.94 -3.32
C GLU A 156 -4.06 9.56 -3.54
N PRO A 157 -4.95 8.55 -3.64
CA PRO A 157 -4.47 7.16 -3.76
C PRO A 157 -3.80 6.88 -5.09
N LEU A 158 -2.98 5.86 -5.10
CA LEU A 158 -2.30 5.39 -6.31
C LEU A 158 -2.31 3.86 -6.28
N LEU A 159 -2.75 3.24 -7.37
CA LEU A 159 -2.69 1.80 -7.55
C LEU A 159 -1.67 1.44 -8.61
N ARG A 160 -0.80 0.48 -8.29
CA ARG A 160 0.18 -0.04 -9.23
C ARG A 160 0.07 -1.58 -9.27
N PHE A 161 -0.17 -2.12 -10.46
CA PHE A 161 -0.17 -3.55 -10.71
C PHE A 161 1.10 -3.86 -11.51
N ARG A 162 1.90 -4.77 -10.98
CA ARG A 162 3.12 -5.16 -11.67
C ARG A 162 3.18 -6.66 -11.94
N TYR A 163 3.73 -6.95 -13.13
CA TYR A 163 4.14 -8.28 -13.52
C TYR A 163 5.66 -8.36 -13.45
N PHE A 164 6.13 -9.38 -12.76
CA PHE A 164 7.56 -9.64 -12.68
C PHE A 164 7.89 -10.96 -13.34
N PRO A 165 8.71 -11.00 -14.37
CA PRO A 165 9.16 -12.29 -14.87
C PRO A 165 10.07 -13.06 -13.92
N GLN A 166 10.40 -14.28 -14.35
CA GLN A 166 11.43 -15.09 -13.71
C GLN A 166 12.69 -14.26 -13.47
N LEU A 178 18.06 -11.04 -1.59
CA LEU A 178 16.93 -10.17 -1.85
C LEU A 178 17.16 -9.31 -3.11
N ARG A 179 16.11 -9.12 -3.88
CA ARG A 179 15.76 -8.48 -5.12
C ARG A 179 15.44 -7.01 -4.88
N MET A 180 14.97 -6.67 -3.68
CA MET A 180 14.77 -5.26 -3.36
C MET A 180 15.13 -5.05 -1.89
N ALA A 181 15.90 -4.03 -1.59
CA ALA A 181 16.43 -3.69 -0.29
C ALA A 181 15.35 -3.07 0.59
N PRO A 182 15.52 -3.21 1.91
CA PRO A 182 14.39 -2.87 2.77
C PRO A 182 13.99 -1.40 2.68
N HIS A 183 12.70 -1.18 2.72
CA HIS A 183 12.12 0.15 2.74
C HIS A 183 10.90 0.15 3.64
N TYR A 184 10.48 1.30 4.12
CA TYR A 184 9.18 1.52 4.73
C TYR A 184 8.34 2.40 3.83
N ASP A 185 7.02 2.36 4.02
CA ASP A 185 6.09 3.12 3.22
C ASP A 185 5.83 4.48 3.84
N LEU A 186 5.57 5.49 3.00
CA LEU A 186 5.21 6.80 3.40
C LEU A 186 3.71 7.11 3.26
N SER A 187 2.93 6.07 2.94
CA SER A 187 1.47 6.13 2.90
C SER A 187 0.86 6.22 4.27
N MET A 188 -0.45 6.46 4.34
CA MET A 188 -1.26 6.16 5.54
C MET A 188 -1.29 4.66 5.73
N VAL A 189 -1.85 3.91 4.76
CA VAL A 189 -1.75 2.47 4.64
C VAL A 189 -1.47 2.10 3.18
N THR A 190 -0.95 0.92 2.99
CA THR A 190 -0.68 0.31 1.71
C THR A 190 -1.34 -1.07 1.73
N LEU A 191 -2.15 -1.35 0.74
CA LEU A 191 -2.82 -2.65 0.58
C LEU A 191 -2.18 -3.44 -0.55
N ILE A 192 -1.83 -4.70 -0.27
CA ILE A 192 -1.12 -5.51 -1.25
C ILE A 192 -1.84 -6.85 -1.49
N GLN A 193 -2.22 -7.07 -2.73
CA GLN A 193 -2.69 -8.38 -3.19
C GLN A 193 -1.57 -8.96 -4.05
N GLN A 194 -1.38 -10.24 -4.14
CA GLN A 194 -0.33 -10.88 -4.90
C GLN A 194 -0.97 -12.06 -5.62
N THR A 195 -0.27 -12.52 -6.63
CA THR A 195 -0.46 -13.92 -7.03
C THR A 195 0.85 -14.63 -6.69
N PRO A 196 0.69 -15.91 -6.38
CA PRO A 196 1.82 -16.71 -5.92
C PRO A 196 2.73 -17.18 -7.03
N CYS A 197 3.95 -17.51 -6.66
CA CYS A 197 4.88 -18.12 -7.63
C CYS A 197 4.39 -19.53 -7.94
N ALA A 198 4.50 -19.94 -9.19
CA ALA A 198 4.05 -21.31 -9.49
C ALA A 198 4.84 -22.30 -8.64
N ASN A 199 6.12 -22.03 -8.37
CA ASN A 199 6.90 -22.99 -7.58
C ASN A 199 6.79 -22.87 -6.06
N GLY A 200 5.94 -21.98 -5.58
CA GLY A 200 5.65 -21.76 -4.19
C GLY A 200 6.59 -20.87 -3.42
N PHE A 201 7.62 -20.34 -4.07
CA PHE A 201 8.50 -19.40 -3.41
C PHE A 201 7.78 -18.16 -2.89
N VAL A 202 8.08 -17.73 -1.66
CA VAL A 202 7.47 -16.54 -1.07
C VAL A 202 8.45 -15.37 -1.13
N SER A 203 8.11 -14.38 -1.97
CA SER A 203 9.08 -13.32 -2.25
C SER A 203 9.01 -12.14 -1.29
N LEU A 204 7.82 -11.77 -0.80
CA LEU A 204 7.70 -10.64 0.09
C LEU A 204 8.00 -11.02 1.55
N GLN A 205 8.78 -10.17 2.21
CA GLN A 205 9.13 -10.35 3.64
C GLN A 205 9.10 -9.01 4.35
N ALA A 206 8.80 -9.02 5.64
CA ALA A 206 8.81 -7.84 6.46
C ALA A 206 9.56 -8.09 7.76
N GLU A 207 10.04 -6.99 8.32
CA GLU A 207 10.58 -7.05 9.67
C GLU A 207 9.46 -7.22 10.68
N VAL A 208 9.53 -8.30 11.45
CA VAL A 208 8.60 -8.50 12.58
C VAL A 208 9.40 -9.00 13.78
N GLY A 209 9.35 -8.24 14.89
CA GLY A 209 10.07 -8.73 16.07
C GLY A 209 11.54 -8.89 15.86
N GLY A 210 12.13 -8.17 14.90
CA GLY A 210 13.54 -8.25 14.59
C GLY A 210 13.90 -9.29 13.55
N ALA A 211 12.95 -10.12 13.18
N ALA A 211 12.98 -10.13 13.12
CA ALA A 211 13.00 -11.29 12.31
CA ALA A 211 13.41 -11.01 12.02
C ALA A 211 12.57 -10.99 10.88
C ALA A 211 12.56 -10.66 10.80
N PHE A 212 12.95 -11.84 9.92
N PHE A 212 13.16 -10.70 9.63
CA PHE A 212 12.41 -11.78 8.58
CA PHE A 212 12.31 -10.59 8.44
C PHE A 212 11.18 -12.71 8.52
C PHE A 212 11.57 -11.91 8.24
N THR A 213 9.99 -12.16 8.44
N THR A 213 10.28 -11.78 7.97
CA THR A 213 8.74 -12.92 8.42
CA THR A 213 9.29 -12.83 8.02
C THR A 213 8.16 -12.90 7.00
C THR A 213 8.50 -12.88 6.72
N ASP A 214 8.03 -14.06 6.36
CA ASP A 214 7.38 -14.28 5.11
C ASP A 214 5.99 -13.65 5.07
N LEU A 215 5.61 -13.18 3.90
CA LEU A 215 4.31 -12.61 3.68
C LEU A 215 3.67 -13.28 2.46
N PRO A 216 3.25 -14.52 2.64
CA PRO A 216 2.69 -15.26 1.50
C PRO A 216 1.34 -14.75 1.03
N TYR A 217 1.07 -15.11 -0.22
CA TYR A 217 -0.27 -15.00 -0.78
C TYR A 217 -1.29 -15.71 0.12
N ARG A 218 -2.44 -15.13 0.28
CA ARG A 218 -3.64 -15.63 0.91
C ARG A 218 -4.81 -15.37 -0.04
N PRO A 219 -5.45 -16.35 -0.64
CA PRO A 219 -6.55 -15.99 -1.56
C PRO A 219 -7.64 -15.18 -0.87
N ASP A 220 -7.78 -15.33 0.44
CA ASP A 220 -8.85 -14.77 1.23
C ASP A 220 -8.60 -13.45 1.93
N ALA A 221 -7.45 -12.83 1.72
CA ALA A 221 -7.04 -11.70 2.56
C ALA A 221 -6.08 -10.80 1.78
N VAL A 222 -6.11 -9.52 2.12
CA VAL A 222 -5.17 -8.54 1.61
C VAL A 222 -4.16 -8.23 2.69
N LEU A 223 -2.92 -7.98 2.32
CA LEU A 223 -1.88 -7.56 3.25
C LEU A 223 -1.94 -6.06 3.43
N VAL A 224 -1.92 -5.59 4.66
CA VAL A 224 -1.92 -4.17 4.97
C VAL A 224 -0.61 -3.82 5.63
N PHE A 225 0.13 -2.89 5.04
CA PHE A 225 1.25 -2.23 5.68
C PHE A 225 0.81 -0.85 6.16
N CYS A 226 1.06 -0.52 7.41
CA CYS A 226 0.96 0.86 7.89
C CYS A 226 2.17 1.65 7.37
N GLY A 227 1.93 2.85 6.94
CA GLY A 227 3.01 3.71 6.53
C GLY A 227 3.28 4.84 7.51
N ALA A 228 4.28 5.66 7.17
CA ALA A 228 4.72 6.71 8.06
C ALA A 228 3.66 7.75 8.34
N ILE A 229 2.71 7.94 7.39
CA ILE A 229 1.62 8.87 7.69
C ILE A 229 0.70 8.34 8.79
N ALA A 230 0.52 7.04 8.89
CA ALA A 230 -0.21 6.49 10.04
C ALA A 230 0.54 6.81 11.33
N THR A 231 1.87 6.62 11.35
CA THR A 231 2.67 6.98 12.51
C THR A 231 2.46 8.47 12.86
N LEU A 232 2.56 9.32 11.83
CA LEU A 232 2.50 10.75 12.06
C LEU A 232 1.15 11.19 12.57
N VAL A 233 0.08 10.84 11.87
CA VAL A 233 -1.24 11.37 12.22
C VAL A 233 -1.66 10.90 13.61
N THR A 234 -1.26 9.70 14.01
CA THR A 234 -1.69 9.12 15.28
C THR A 234 -0.74 9.50 16.42
N GLY A 235 0.27 10.35 16.14
CA GLY A 235 1.18 10.72 17.22
C GLY A 235 2.03 9.57 17.72
N GLY A 236 2.44 8.67 16.84
CA GLY A 236 3.38 7.63 17.14
C GLY A 236 2.84 6.32 17.66
N GLN A 237 1.53 6.11 17.57
CA GLN A 237 0.81 4.93 18.01
C GLN A 237 0.84 3.78 17.00
N VAL A 238 1.37 4.01 15.80
CA VAL A 238 1.40 3.02 14.74
C VAL A 238 2.81 2.93 14.21
N LYS A 239 3.34 1.72 14.13
CA LYS A 239 4.62 1.42 13.51
C LYS A 239 4.51 1.35 12.00
N ALA A 240 5.56 1.84 11.30
CA ALA A 240 5.71 1.73 9.86
C ALA A 240 6.82 0.71 9.61
N PRO A 241 6.48 -0.56 9.36
CA PRO A 241 7.55 -1.57 9.28
C PRO A 241 8.28 -1.56 7.96
N ARG A 242 9.55 -1.98 8.02
CA ARG A 242 10.35 -2.20 6.84
C ARG A 242 9.97 -3.53 6.18
N HIS A 243 10.09 -3.58 4.88
CA HIS A 243 9.86 -4.82 4.12
C HIS A 243 10.75 -4.85 2.89
N HIS A 244 10.86 -6.03 2.31
CA HIS A 244 11.77 -6.23 1.18
C HIS A 244 11.25 -7.35 0.30
N VAL A 245 11.98 -7.57 -0.78
CA VAL A 245 11.73 -8.73 -1.65
C VAL A 245 12.95 -9.65 -1.67
N ALA A 246 12.71 -10.91 -1.32
CA ALA A 246 13.68 -11.98 -1.35
C ALA A 246 13.86 -12.49 -2.77
N ALA A 247 15.08 -12.92 -3.06
CA ALA A 247 15.24 -13.61 -4.35
C ALA A 247 15.36 -15.10 -4.06
N PRO A 248 14.95 -15.91 -5.01
CA PRO A 248 15.03 -17.36 -4.83
C PRO A 248 16.38 -17.97 -5.22
N ILE A 253 14.60 -18.84 -9.99
CA ILE A 253 14.38 -20.21 -10.42
C ILE A 253 13.16 -20.34 -11.32
N ALA A 254 13.06 -21.55 -11.87
CA ALA A 254 11.92 -21.93 -12.67
C ALA A 254 10.65 -21.81 -11.83
N GLY A 255 9.75 -20.97 -12.31
CA GLY A 255 8.44 -20.77 -11.72
C GLY A 255 8.39 -19.68 -10.66
N SER A 256 9.35 -18.75 -10.69
CA SER A 256 9.37 -17.67 -9.71
C SER A 256 8.77 -16.37 -10.23
N SER A 257 8.08 -16.40 -11.36
CA SER A 257 7.44 -15.15 -11.81
C SER A 257 6.32 -14.82 -10.87
N ARG A 258 5.85 -13.59 -10.76
CA ARG A 258 4.78 -13.23 -9.83
C ARG A 258 4.14 -11.92 -10.28
N THR A 259 3.00 -11.59 -9.70
CA THR A 259 2.44 -10.25 -9.82
C THR A 259 2.10 -9.70 -8.43
N SER A 260 1.95 -8.37 -8.37
CA SER A 260 1.43 -7.72 -7.18
C SER A 260 0.51 -6.55 -7.57
N SER A 261 -0.43 -6.26 -6.69
CA SER A 261 -1.34 -5.10 -6.77
C SER A 261 -1.04 -4.34 -5.48
N VAL A 262 -0.49 -3.16 -5.64
CA VAL A 262 -0.08 -2.32 -4.52
C VAL A 262 -0.91 -1.03 -4.54
N PHE A 263 -1.69 -0.79 -3.50
CA PHE A 263 -2.57 0.35 -3.41
C PHE A 263 -2.06 1.26 -2.28
N PHE A 264 -1.56 2.43 -2.64
CA PHE A 264 -1.13 3.41 -1.66
C PHE A 264 -2.22 4.39 -1.33
N LEU A 265 -2.63 4.43 -0.06
CA LEU A 265 -3.56 5.46 0.44
C LEU A 265 -2.71 6.63 0.94
N ARG A 266 -2.63 7.72 0.16
CA ARG A 266 -1.73 8.83 0.40
C ARG A 266 -2.51 10.08 0.73
N PRO A 267 -2.04 10.85 1.70
CA PRO A 267 -2.77 12.07 2.08
C PRO A 267 -2.75 13.15 1.03
N ASN A 268 -3.66 14.09 1.14
CA ASN A 268 -3.66 15.33 0.39
C ASN A 268 -2.43 16.19 0.74
N ALA A 269 -2.02 17.02 -0.21
CA ALA A 269 -0.89 17.92 0.00
C ALA A 269 -1.06 18.81 1.23
N ASP A 270 -2.28 19.23 1.52
CA ASP A 270 -2.57 20.16 2.59
C ASP A 270 -2.87 19.48 3.92
N PHE A 271 -2.67 18.18 4.05
CA PHE A 271 -2.77 17.49 5.31
C PHE A 271 -1.83 18.17 6.31
N THR A 272 -2.34 18.58 7.45
CA THR A 272 -1.59 19.41 8.38
C THR A 272 -1.37 18.70 9.70
N PHE A 273 -0.19 18.88 10.26
CA PHE A 273 0.21 18.18 11.49
C PHE A 273 1.06 19.09 12.36
N SER A 274 1.20 18.67 13.62
CA SER A 274 2.06 19.34 14.58
C SER A 274 3.52 18.97 14.39
N VAL A 275 4.36 20.03 14.29
CA VAL A 275 5.80 19.78 14.12
C VAL A 275 6.42 19.20 15.39
N PRO A 276 6.19 19.76 16.59
CA PRO A 276 6.78 19.13 17.79
C PRO A 276 6.35 17.69 17.99
N LEU A 277 5.13 17.27 17.67
CA LEU A 277 4.59 15.95 17.80
C LEU A 277 5.30 15.03 16.81
N ALA A 278 5.54 15.57 15.60
CA ALA A 278 6.29 14.78 14.63
C ALA A 278 7.68 14.44 15.17
N ARG A 279 8.33 15.42 15.75
CA ARG A 279 9.65 15.20 16.30
C ARG A 279 9.61 14.19 17.42
N GLU A 280 8.54 14.09 18.18
CA GLU A 280 8.45 13.15 19.28
C GLU A 280 8.33 11.70 18.85
N CYS A 281 7.87 11.45 17.62
CA CYS A 281 7.83 10.00 17.32
C CYS A 281 8.78 9.57 16.23
N GLY A 282 9.77 10.38 15.99
CA GLY A 282 10.92 9.87 15.23
C GLY A 282 11.19 10.63 13.95
N PHE A 283 10.33 11.58 13.57
CA PHE A 283 10.50 12.24 12.29
C PHE A 283 11.59 13.31 12.41
N ASP A 284 12.58 13.17 11.52
CA ASP A 284 13.71 14.09 11.51
C ASP A 284 13.47 15.31 10.67
N VAL A 285 12.44 16.04 11.06
CA VAL A 285 11.96 17.17 10.30
C VAL A 285 12.87 18.38 10.45
N SER A 286 12.94 19.15 9.36
CA SER A 286 13.60 20.45 9.25
C SER A 286 12.55 21.48 8.86
N LEU A 287 11.60 21.71 9.77
CA LEU A 287 10.40 22.52 9.57
C LEU A 287 10.36 23.62 10.62
N ASP A 288 10.34 24.87 10.17
CA ASP A 288 10.26 25.99 11.07
C ASP A 288 8.84 26.11 11.60
N GLY A 289 8.61 26.60 12.80
CA GLY A 289 7.26 26.80 13.29
C GLY A 289 6.55 25.58 13.81
N GLU A 290 5.26 25.78 14.16
CA GLU A 290 4.54 24.79 14.96
C GLU A 290 3.68 23.79 14.21
N THR A 291 3.29 24.14 13.00
CA THR A 291 2.49 23.23 12.16
C THR A 291 3.08 23.23 10.76
N ALA A 292 2.79 22.16 10.03
CA ALA A 292 3.26 21.98 8.67
C ALA A 292 2.32 21.08 7.92
N THR A 293 2.46 21.17 6.57
CA THR A 293 1.68 20.28 5.72
C THR A 293 2.53 19.13 5.20
N PHE A 294 1.82 18.14 4.64
CA PHE A 294 2.47 17.04 3.94
C PHE A 294 3.42 17.56 2.86
N GLN A 295 2.94 18.52 2.08
CA GLN A 295 3.79 19.13 1.05
C GLN A 295 5.03 19.77 1.64
N ASP A 296 5.02 20.47 2.71
CA ASP A 296 6.10 21.06 3.42
C ASP A 296 7.10 19.96 3.75
N TRP A 297 6.63 18.81 4.20
CA TRP A 297 7.48 17.75 4.66
C TRP A 297 8.16 17.01 3.49
N ILE A 298 7.34 16.54 2.57
CA ILE A 298 7.81 15.67 1.49
C ILE A 298 8.26 16.38 0.23
N GLY A 299 7.77 17.61 0.01
CA GLY A 299 8.04 18.35 -1.18
C GLY A 299 6.89 18.30 -2.17
N GLY A 300 7.19 18.68 -3.39
CA GLY A 300 6.20 18.87 -4.44
C GLY A 300 5.90 17.69 -5.32
N ASN A 301 6.56 16.56 -5.06
CA ASN A 301 6.24 15.30 -5.72
C ASN A 301 6.00 14.20 -4.70
N TYR A 302 4.94 13.38 -4.85
CA TYR A 302 4.79 12.26 -3.91
C TYR A 302 6.02 11.38 -3.93
N VAL A 303 6.43 10.92 -2.75
CA VAL A 303 7.42 9.91 -2.49
C VAL A 303 6.71 8.76 -1.76
N ASN A 304 6.78 7.56 -2.32
CA ASN A 304 6.00 6.47 -1.76
C ASN A 304 6.73 5.61 -0.77
N ILE A 305 8.04 5.43 -0.92
CA ILE A 305 8.80 4.53 -0.04
C ILE A 305 10.10 5.23 0.36
N ARG A 306 10.71 4.72 1.40
CA ARG A 306 11.92 5.34 1.95
C ARG A 306 12.80 4.29 2.58
N ARG A 307 14.10 4.44 2.43
CA ARG A 307 15.07 3.49 2.99
C ARG A 307 15.61 4.08 4.26
N THR A 308 16.15 3.20 5.11
CA THR A 308 16.95 3.73 6.23
C THR A 308 18.23 4.37 5.73
N SER A 309 18.64 5.39 6.48
CA SER A 309 19.87 6.13 6.27
C SER A 309 21.12 5.29 6.47
N LYS A 310 22.13 5.57 5.62
CA LYS A 310 23.42 4.98 5.81
C LYS A 310 24.39 5.91 6.53
N ALA A 311 23.99 7.14 6.82
CA ALA A 311 24.98 8.07 7.38
C ALA A 311 25.24 7.87 8.86
S SO4 B . 20.58 10.86 4.78
O1 SO4 B . 21.03 9.51 5.07
O2 SO4 B . 20.27 11.59 6.07
O3 SO4 B . 21.71 11.67 4.25
O4 SO4 B . 19.44 11.04 3.84
S SO4 C . 2.98 28.10 12.51
O1 SO4 C . 3.50 26.92 11.78
O2 SO4 C . 3.95 28.39 13.65
O3 SO4 C . 2.94 29.23 11.54
O4 SO4 C . 1.64 27.82 13.11
#